data_2J0W
#
_entry.id   2J0W
#
_cell.length_a   49.535
_cell.length_b   213.347
_cell.length_c   93.078
_cell.angle_alpha   90.00
_cell.angle_beta   90.00
_cell.angle_gamma   90.00
#
_symmetry.space_group_name_H-M   'C 2 2 21'
#
loop_
_entity.id
_entity.type
_entity.pdbx_description
1 polymer 'LYSINE-SENSITIVE ASPARTOKINASE 3'
2 non-polymer 'ASPARTIC ACID'
3 non-polymer 'CHLORIDE ION'
4 non-polymer "ADENOSINE-5'-DIPHOSPHATE"
5 non-polymer 'MAGNESIUM ION'
6 water water
#
_entity_poly.entity_id   1
_entity_poly.type   'polypeptide(L)'
_entity_poly.pdbx_seq_one_letter_code
;MSEIVVSKFGGTSVADFDAMNRSADIVLSDANVRLVVLSASAGITNLLVALAEGLEPGERFEKLDAIRNIQFAILERLRY
PNVIREEIERLLENITVLAEAAALATSPALTDELVSHGELMSTLLFVEILRERDVQAQWFDVRKVMRTNDRFGRAEPDIA
ALAELAALQLLPRLNEGLVITQGFIGSENKGRTTTLGRGGSDYTAALLAEALHASRVDIWTDVPGIYTTDPRVVSAAKRI
DEIAFAEAAEMATFGAKVLHPATLLPAVRSDIPVFVGSSKDPRAGGTLVCNKTENPPLFRALALRRNQTLLTLHSLNMLH
SRGFLAEVFGILARHNISVDLITTSEVSVALTLDTTGSTSTGDTLLTQSLLMELSALCRVEVEEGLALVALIGNDLSKAC
GVGKEVFGVLEPFNIRMICYGASSHNLCFLVPGEDAEQVVQKLHSNLFE
;
_entity_poly.pdbx_strand_id   A
#
# COMPACT_ATOMS: atom_id res chain seq x y z
N GLU A 3 -17.92 17.83 -5.00
CA GLU A 3 -17.09 18.86 -4.30
C GLU A 3 -16.86 18.50 -2.85
N ILE A 4 -15.99 17.50 -2.64
CA ILE A 4 -15.68 17.03 -1.30
C ILE A 4 -14.26 16.51 -1.33
N VAL A 5 -13.43 16.99 -0.42
CA VAL A 5 -12.06 16.52 -0.37
C VAL A 5 -12.02 15.39 0.66
N VAL A 6 -11.29 14.35 0.31
CA VAL A 6 -11.10 13.17 1.15
C VAL A 6 -9.65 13.20 1.68
N SER A 7 -9.49 13.13 3.00
CA SER A 7 -8.16 13.16 3.63
C SER A 7 -7.75 11.83 4.27
N LYS A 8 -6.49 11.44 4.11
CA LYS A 8 -6.02 10.19 4.67
C LYS A 8 -4.83 10.37 5.59
N PHE A 9 -4.90 9.70 6.74
CA PHE A 9 -3.84 9.77 7.74
C PHE A 9 -3.29 8.41 8.07
N GLY A 10 -1.97 8.29 8.02
CA GLY A 10 -1.30 7.04 8.28
C GLY A 10 -0.92 6.80 9.74
N GLY A 11 -0.19 5.72 9.97
CA GLY A 11 0.24 5.35 11.31
C GLY A 11 0.80 6.50 12.12
N THR A 12 1.97 6.98 11.70
CA THR A 12 2.62 8.09 12.40
C THR A 12 1.68 9.27 12.64
N SER A 13 0.81 9.56 11.68
CA SER A 13 -0.11 10.69 11.79
C SER A 13 -1.21 10.54 12.83
N VAL A 14 -1.32 9.37 13.45
CA VAL A 14 -2.34 9.16 14.46
C VAL A 14 -1.79 8.20 15.49
N ALA A 15 -0.46 8.21 15.60
CA ALA A 15 0.26 7.33 16.50
C ALA A 15 -0.13 7.61 17.93
N ASP A 16 -0.36 8.88 18.24
CA ASP A 16 -0.73 9.25 19.61
C ASP A 16 -1.59 10.49 19.65
N PHE A 17 -2.03 10.82 20.86
CA PHE A 17 -2.88 11.98 21.09
C PHE A 17 -2.41 13.25 20.35
N ASP A 18 -1.18 13.67 20.60
CA ASP A 18 -0.65 14.88 19.95
C ASP A 18 -0.80 14.79 18.44
N ALA A 19 -0.16 13.77 17.87
CA ALA A 19 -0.18 13.52 16.44
C ALA A 19 -1.62 13.54 15.93
N MET A 20 -2.48 12.83 16.66
CA MET A 20 -3.86 12.76 16.28
C MET A 20 -4.40 14.19 16.21
N ASN A 21 -3.99 15.01 17.17
CA ASN A 21 -4.40 16.41 17.20
C ASN A 21 -3.83 17.18 15.99
N ARG A 22 -2.53 17.05 15.75
CA ARG A 22 -1.93 17.72 14.60
C ARG A 22 -2.82 17.44 13.40
N SER A 23 -3.19 16.16 13.24
CA SER A 23 -4.04 15.73 12.14
C SER A 23 -5.44 16.30 12.20
N ALA A 24 -5.98 16.44 13.41
CA ALA A 24 -7.33 16.98 13.56
C ALA A 24 -7.30 18.43 13.12
N ASP A 25 -6.23 19.14 13.47
CA ASP A 25 -6.11 20.54 13.08
C ASP A 25 -6.26 20.60 11.57
N ILE A 26 -5.29 20.00 10.87
CA ILE A 26 -5.28 19.94 9.41
C ILE A 26 -6.67 19.71 8.79
N VAL A 27 -7.44 18.77 9.34
CA VAL A 27 -8.77 18.50 8.81
C VAL A 27 -9.66 19.73 8.91
N LEU A 28 -9.36 20.58 9.89
CA LEU A 28 -10.13 21.80 10.13
C LEU A 28 -9.47 23.06 9.60
N SER A 29 -8.59 22.90 8.62
CA SER A 29 -7.90 24.01 8.00
C SER A 29 -8.57 24.19 6.64
N ASP A 30 -9.36 23.19 6.27
CA ASP A 30 -10.09 23.19 5.02
C ASP A 30 -11.48 22.62 5.31
N ALA A 31 -12.52 23.39 5.02
CA ALA A 31 -13.88 22.94 5.31
C ALA A 31 -14.45 21.99 4.26
N ASN A 32 -13.70 21.77 3.17
CA ASN A 32 -14.13 20.84 2.12
C ASN A 32 -13.85 19.40 2.52
N VAL A 33 -13.03 19.23 3.55
CA VAL A 33 -12.71 17.89 4.05
C VAL A 33 -13.96 17.41 4.78
N ARG A 34 -14.64 16.46 4.15
CA ARG A 34 -15.87 15.92 4.69
C ARG A 34 -15.68 14.45 5.06
N LEU A 35 -14.69 13.82 4.46
CA LEU A 35 -14.41 12.43 4.76
C LEU A 35 -12.96 12.23 5.17
N VAL A 36 -12.75 11.59 6.31
CA VAL A 36 -11.40 11.33 6.77
C VAL A 36 -11.19 9.82 6.79
N VAL A 37 -10.00 9.39 6.40
CA VAL A 37 -9.68 7.98 6.38
C VAL A 37 -8.47 7.78 7.25
N LEU A 38 -8.61 6.92 8.26
CA LEU A 38 -7.50 6.67 9.19
C LEU A 38 -7.01 5.25 9.14
N SER A 39 -5.70 5.10 9.33
CA SER A 39 -5.07 3.79 9.40
C SER A 39 -5.02 3.64 10.91
N ALA A 40 -4.54 2.50 11.39
CA ALA A 40 -4.45 2.30 12.83
C ALA A 40 -3.18 3.02 13.26
N SER A 41 -3.08 3.30 14.56
CA SER A 41 -1.88 3.98 15.06
C SER A 41 -0.60 3.18 14.82
N ALA A 42 0.49 3.90 14.62
CA ALA A 42 1.79 3.28 14.37
C ALA A 42 2.00 2.08 15.26
N GLY A 43 2.50 0.98 14.68
CA GLY A 43 2.77 -0.23 15.43
C GLY A 43 1.61 -1.20 15.66
N ILE A 44 0.39 -0.68 15.72
CA ILE A 44 -0.77 -1.54 15.96
C ILE A 44 -0.90 -2.70 14.98
N THR A 45 -0.93 -2.39 13.68
CA THR A 45 -1.08 -3.45 12.69
C THR A 45 -0.03 -4.54 12.79
N ASN A 46 1.24 -4.17 12.99
CA ASN A 46 2.29 -5.19 13.12
C ASN A 46 2.04 -6.04 14.36
N LEU A 47 1.65 -5.40 15.46
CA LEU A 47 1.40 -6.16 16.68
C LEU A 47 0.27 -7.14 16.38
N LEU A 48 -0.83 -6.62 15.84
CA LEU A 48 -2.00 -7.41 15.49
C LEU A 48 -1.68 -8.56 14.54
N VAL A 49 -0.79 -8.31 13.59
CA VAL A 49 -0.41 -9.37 12.66
C VAL A 49 0.42 -10.44 13.37
N ALA A 50 1.28 -10.03 14.29
CA ALA A 50 2.09 -11.00 15.00
C ALA A 50 1.19 -11.90 15.84
N LEU A 51 0.08 -11.34 16.33
CA LEU A 51 -0.86 -12.10 17.14
C LEU A 51 -1.71 -13.07 16.30
N ALA A 52 -1.99 -12.70 15.06
CA ALA A 52 -2.78 -13.56 14.19
C ALA A 52 -1.92 -14.69 13.67
N GLU A 53 -0.65 -14.72 14.06
CA GLU A 53 0.24 -15.81 13.63
C GLU A 53 0.16 -16.96 14.62
N GLY A 54 -0.37 -16.67 15.80
CA GLY A 54 -0.47 -17.70 16.83
C GLY A 54 0.74 -17.63 17.74
N LEU A 55 0.59 -16.96 18.87
CA LEU A 55 1.69 -16.82 19.80
C LEU A 55 1.38 -17.48 21.13
N GLU A 56 2.42 -17.98 21.78
CA GLU A 56 2.30 -18.62 23.10
C GLU A 56 1.84 -17.59 24.14
N PRO A 57 1.29 -18.05 25.28
CA PRO A 57 0.80 -17.24 26.39
C PRO A 57 1.63 -15.99 26.74
N GLY A 58 2.94 -16.21 26.87
CA GLY A 58 3.86 -15.13 27.23
C GLY A 58 3.88 -14.03 26.19
N GLU A 59 4.58 -14.29 25.09
CA GLU A 59 4.70 -13.33 24.01
C GLU A 59 3.35 -12.75 23.63
N ARG A 60 2.32 -13.58 23.68
CA ARG A 60 0.98 -13.12 23.34
C ARG A 60 0.60 -11.99 24.27
N PHE A 61 0.75 -12.21 25.58
CA PHE A 61 0.40 -11.20 26.56
C PHE A 61 1.20 -9.90 26.41
N GLU A 62 2.45 -10.01 26.00
CA GLU A 62 3.26 -8.82 25.81
C GLU A 62 2.62 -8.00 24.67
N LYS A 63 2.29 -8.68 23.58
CA LYS A 63 1.69 -7.99 22.44
C LYS A 63 0.37 -7.31 22.80
N LEU A 64 -0.49 -8.02 23.52
CA LEU A 64 -1.78 -7.46 23.90
C LEU A 64 -1.58 -6.24 24.78
N ASP A 65 -0.50 -6.22 25.55
CA ASP A 65 -0.27 -5.09 26.42
C ASP A 65 0.30 -3.91 25.64
N ALA A 66 1.18 -4.21 24.70
CA ALA A 66 1.74 -3.15 23.89
C ALA A 66 0.55 -2.53 23.14
N ILE A 67 -0.42 -3.36 22.77
CA ILE A 67 -1.59 -2.86 22.07
C ILE A 67 -2.45 -2.01 23.01
N ARG A 68 -2.71 -2.51 24.22
CA ARG A 68 -3.51 -1.73 25.16
C ARG A 68 -2.83 -0.42 25.57
N ASN A 69 -1.51 -0.45 25.78
CA ASN A 69 -0.83 0.77 26.16
C ASN A 69 -1.12 1.88 25.14
N ILE A 70 -0.66 1.67 23.91
CA ILE A 70 -0.86 2.65 22.83
C ILE A 70 -2.25 3.30 22.80
N GLN A 71 -3.28 2.49 23.05
CA GLN A 71 -4.66 2.98 23.06
C GLN A 71 -4.96 3.83 24.28
N PHE A 72 -4.40 3.47 25.42
CA PHE A 72 -4.66 4.24 26.63
C PHE A 72 -3.84 5.53 26.68
N ALA A 73 -2.71 5.55 26.00
CA ALA A 73 -1.89 6.76 25.97
C ALA A 73 -2.79 7.89 25.48
N ILE A 74 -3.64 7.56 24.53
CA ILE A 74 -4.58 8.50 23.92
C ILE A 74 -5.81 8.70 24.77
N LEU A 75 -6.37 7.59 25.23
CA LEU A 75 -7.56 7.54 26.05
C LEU A 75 -7.45 8.41 27.31
N GLU A 76 -6.37 8.20 28.05
CA GLU A 76 -6.11 8.94 29.30
C GLU A 76 -5.89 10.44 29.12
N ARG A 77 -6.04 10.94 27.89
CA ARG A 77 -5.85 12.38 27.64
C ARG A 77 -7.14 13.07 27.24
N LEU A 78 -8.16 12.25 27.00
CA LEU A 78 -9.47 12.76 26.61
C LEU A 78 -10.14 13.45 27.79
N ARG A 79 -11.21 14.19 27.51
CA ARG A 79 -11.95 14.89 28.55
C ARG A 79 -12.90 13.89 29.21
N TYR A 80 -13.69 13.17 28.41
CA TYR A 80 -14.62 12.19 28.95
C TYR A 80 -14.27 10.80 28.43
N PRO A 81 -13.21 10.21 28.98
CA PRO A 81 -12.75 8.88 28.57
C PRO A 81 -13.61 7.69 28.99
N ASN A 82 -14.73 7.93 29.65
CA ASN A 82 -15.54 6.81 30.13
C ASN A 82 -16.27 6.01 29.07
N VAL A 83 -16.96 6.69 28.18
CA VAL A 83 -17.69 6.00 27.15
C VAL A 83 -16.82 5.09 26.27
N ILE A 84 -15.86 5.67 25.54
CA ILE A 84 -15.02 4.87 24.65
C ILE A 84 -14.20 3.82 25.36
N ARG A 85 -14.03 3.96 26.67
CA ARG A 85 -13.27 2.98 27.42
C ARG A 85 -14.01 1.65 27.35
N GLU A 86 -15.33 1.69 27.49
CA GLU A 86 -16.17 0.49 27.44
C GLU A 86 -15.88 -0.26 26.15
N GLU A 87 -15.99 0.49 25.05
CA GLU A 87 -15.79 0.00 23.71
C GLU A 87 -14.40 -0.53 23.49
N ILE A 88 -13.40 0.30 23.79
CA ILE A 88 -12.02 -0.13 23.63
C ILE A 88 -11.85 -1.46 24.36
N GLU A 89 -12.39 -1.55 25.57
CA GLU A 89 -12.30 -2.77 26.36
C GLU A 89 -12.89 -3.96 25.62
N ARG A 90 -14.00 -3.75 24.92
CA ARG A 90 -14.61 -4.82 24.15
C ARG A 90 -13.63 -5.21 23.08
N LEU A 91 -13.27 -4.23 22.24
CA LEU A 91 -12.32 -4.47 21.17
C LEU A 91 -11.10 -5.19 21.73
N LEU A 92 -10.48 -4.61 22.77
CA LEU A 92 -9.33 -5.25 23.37
C LEU A 92 -9.66 -6.65 23.81
N GLU A 93 -10.79 -6.81 24.48
CA GLU A 93 -11.18 -8.13 24.95
C GLU A 93 -11.36 -9.07 23.76
N ASN A 94 -12.01 -8.59 22.70
CA ASN A 94 -12.23 -9.46 21.55
C ASN A 94 -10.91 -9.80 20.89
N ILE A 95 -10.03 -8.82 20.80
CA ILE A 95 -8.71 -9.03 20.22
C ILE A 95 -8.07 -10.17 21.00
N THR A 96 -8.20 -10.09 22.32
CA THR A 96 -7.64 -11.09 23.19
C THR A 96 -8.19 -12.48 22.87
N VAL A 97 -9.51 -12.63 22.81
CA VAL A 97 -10.05 -13.95 22.52
C VAL A 97 -9.63 -14.45 21.15
N LEU A 98 -9.60 -13.55 20.17
CA LEU A 98 -9.17 -13.95 18.82
C LEU A 98 -7.70 -14.40 18.86
N ALA A 99 -6.88 -13.68 19.60
CA ALA A 99 -5.48 -14.03 19.71
C ALA A 99 -5.38 -15.42 20.32
N GLU A 100 -6.30 -15.76 21.22
CA GLU A 100 -6.28 -17.07 21.84
C GLU A 100 -6.65 -18.13 20.83
N ALA A 101 -7.53 -17.78 19.90
CA ALA A 101 -7.94 -18.72 18.86
C ALA A 101 -6.83 -18.89 17.86
N ALA A 102 -6.17 -17.78 17.51
CA ALA A 102 -5.08 -17.83 16.54
C ALA A 102 -3.99 -18.79 17.05
N ALA A 103 -3.83 -18.86 18.36
CA ALA A 103 -2.84 -19.73 18.98
C ALA A 103 -3.11 -21.21 18.71
N LEU A 104 -4.31 -21.52 18.22
CA LEU A 104 -4.68 -22.90 17.95
C LEU A 104 -4.91 -23.17 16.46
N ALA A 105 -5.58 -22.23 15.80
CA ALA A 105 -5.85 -22.31 14.37
C ALA A 105 -5.59 -20.92 13.77
N THR A 106 -5.09 -20.86 12.54
CA THR A 106 -4.87 -19.54 11.95
C THR A 106 -5.26 -19.60 10.49
N SER A 107 -5.67 -18.47 9.94
CA SER A 107 -6.02 -18.42 8.52
C SER A 107 -6.03 -16.98 8.06
N PRO A 108 -5.91 -16.76 6.74
CA PRO A 108 -5.93 -15.39 6.26
C PRO A 108 -7.22 -14.66 6.64
N ALA A 109 -8.30 -15.41 6.83
CA ALA A 109 -9.58 -14.81 7.20
C ALA A 109 -9.63 -14.39 8.66
N LEU A 110 -9.01 -15.18 9.53
CA LEU A 110 -8.99 -14.85 10.95
C LEU A 110 -8.09 -13.63 11.12
N THR A 111 -6.99 -13.61 10.37
CA THR A 111 -6.04 -12.51 10.41
C THR A 111 -6.69 -11.17 9.98
N ASP A 112 -7.43 -11.19 8.87
CA ASP A 112 -8.10 -9.99 8.38
C ASP A 112 -9.07 -9.49 9.45
N GLU A 113 -9.76 -10.43 10.10
CA GLU A 113 -10.74 -10.07 11.13
C GLU A 113 -10.10 -9.50 12.38
N LEU A 114 -8.97 -10.07 12.78
CA LEU A 114 -8.29 -9.60 13.96
C LEU A 114 -7.57 -8.31 13.63
N VAL A 115 -6.87 -8.28 12.49
CA VAL A 115 -6.14 -7.07 12.16
C VAL A 115 -7.04 -5.88 11.89
N SER A 116 -8.27 -6.13 11.48
CA SER A 116 -9.18 -5.04 11.21
C SER A 116 -9.35 -4.15 12.44
N HIS A 117 -9.31 -4.76 13.62
CA HIS A 117 -9.47 -4.02 14.89
C HIS A 117 -8.63 -2.74 15.09
N GLY A 118 -7.45 -2.66 14.45
CA GLY A 118 -6.60 -1.49 14.60
C GLY A 118 -7.25 -0.20 14.11
N GLU A 119 -7.69 -0.19 12.86
CA GLU A 119 -8.35 1.00 12.32
C GLU A 119 -9.70 1.24 13.02
N LEU A 120 -10.26 0.22 13.65
CA LEU A 120 -11.51 0.45 14.36
C LEU A 120 -11.21 1.29 15.60
N MET A 121 -10.22 0.90 16.38
CA MET A 121 -9.87 1.67 17.58
C MET A 121 -9.39 3.08 17.25
N SER A 122 -8.56 3.23 16.23
CA SER A 122 -8.06 4.56 15.89
C SER A 122 -9.18 5.52 15.48
N THR A 123 -10.08 5.10 14.59
CA THR A 123 -11.18 5.99 14.17
C THR A 123 -12.13 6.34 15.31
N LEU A 124 -12.30 5.43 16.27
CA LEU A 124 -13.20 5.71 17.39
C LEU A 124 -12.62 6.83 18.24
N LEU A 125 -11.32 6.79 18.46
CA LEU A 125 -10.67 7.80 19.27
C LEU A 125 -10.65 9.12 18.54
N PHE A 126 -10.30 9.11 17.27
CA PHE A 126 -10.24 10.36 16.53
C PHE A 126 -11.55 11.14 16.64
N VAL A 127 -12.70 10.47 16.48
CA VAL A 127 -13.97 11.17 16.57
C VAL A 127 -14.05 11.88 17.90
N GLU A 128 -13.56 11.21 18.95
CA GLU A 128 -13.56 11.77 20.29
C GLU A 128 -12.64 12.98 20.38
N ILE A 129 -11.52 12.93 19.69
CA ILE A 129 -10.61 14.06 19.70
C ILE A 129 -11.26 15.24 18.98
N LEU A 130 -12.15 14.94 18.03
CA LEU A 130 -12.83 15.98 17.27
C LEU A 130 -14.01 16.58 18.01
N ARG A 131 -14.73 15.75 18.76
CA ARG A 131 -15.88 16.24 19.53
C ARG A 131 -15.44 16.95 20.81
N GLU A 132 -14.19 16.71 21.21
CA GLU A 132 -13.64 17.35 22.40
C GLU A 132 -13.40 18.81 22.02
N ARG A 133 -13.67 19.14 20.76
CA ARG A 133 -13.52 20.47 20.24
C ARG A 133 -14.84 21.01 19.71
N ASP A 134 -15.94 20.41 20.16
CA ASP A 134 -17.27 20.83 19.72
C ASP A 134 -17.36 20.79 18.19
N VAL A 135 -17.27 19.59 17.63
CA VAL A 135 -17.34 19.42 16.19
C VAL A 135 -18.31 18.31 15.87
N GLN A 136 -19.14 18.53 14.87
CA GLN A 136 -20.07 17.50 14.43
C GLN A 136 -19.24 16.46 13.70
N ALA A 137 -18.84 15.40 14.40
CA ALA A 137 -18.03 14.37 13.75
C ALA A 137 -18.57 13.01 14.10
N GLN A 138 -18.99 12.24 13.11
CA GLN A 138 -19.50 10.91 13.39
C GLN A 138 -18.64 9.78 12.83
N TRP A 139 -18.67 8.66 13.55
CA TRP A 139 -17.91 7.47 13.22
C TRP A 139 -18.72 6.66 12.21
N PHE A 140 -18.04 6.06 11.24
CA PHE A 140 -18.69 5.25 10.22
C PHE A 140 -17.88 4.00 9.90
N ASP A 141 -18.56 2.86 9.77
CA ASP A 141 -17.91 1.58 9.48
C ASP A 141 -17.80 1.29 7.97
N VAL A 142 -16.66 1.60 7.35
CA VAL A 142 -16.52 1.37 5.91
C VAL A 142 -17.03 0.04 5.46
N ARG A 143 -16.94 -0.95 6.33
CA ARG A 143 -17.40 -2.28 5.94
C ARG A 143 -18.81 -2.28 5.39
N LYS A 144 -19.61 -1.29 5.78
CA LYS A 144 -20.99 -1.22 5.27
C LYS A 144 -20.95 -0.84 3.79
N VAL A 145 -19.85 -0.24 3.37
CA VAL A 145 -19.72 0.17 1.98
C VAL A 145 -18.64 -0.48 1.14
N MET A 146 -17.47 -0.69 1.72
CA MET A 146 -16.32 -1.27 1.01
C MET A 146 -16.45 -2.77 0.74
N ARG A 147 -17.29 -3.15 -0.22
CA ARG A 147 -17.47 -4.57 -0.56
C ARG A 147 -16.30 -5.07 -1.38
N THR A 148 -15.79 -6.26 -1.03
CA THR A 148 -14.67 -6.84 -1.76
C THR A 148 -14.95 -8.31 -2.02
N ASN A 149 -14.07 -8.98 -2.74
CA ASN A 149 -14.22 -10.40 -2.99
C ASN A 149 -13.83 -11.11 -1.69
N ASP A 150 -13.62 -12.42 -1.79
CA ASP A 150 -13.26 -13.23 -0.63
C ASP A 150 -11.77 -13.56 -0.54
N ARG A 151 -10.96 -12.84 -1.31
CA ARG A 151 -9.51 -13.07 -1.29
C ARG A 151 -8.91 -12.39 -0.05
N PHE A 152 -8.90 -13.08 1.09
CA PHE A 152 -8.40 -12.49 2.33
C PHE A 152 -6.90 -12.19 2.33
N GLY A 153 -6.53 -11.07 2.95
CA GLY A 153 -5.13 -10.67 3.00
C GLY A 153 -4.85 -9.56 2.01
N ARG A 154 -5.59 -9.57 0.92
CA ARG A 154 -5.46 -8.56 -0.12
C ARG A 154 -6.70 -8.63 -1.00
N ALA A 155 -7.84 -8.39 -0.37
CA ALA A 155 -9.13 -8.41 -1.04
C ALA A 155 -9.19 -7.37 -2.13
N GLU A 156 -9.95 -7.64 -3.17
CA GLU A 156 -10.08 -6.72 -4.28
C GLU A 156 -11.46 -6.09 -4.27
N PRO A 157 -11.51 -4.75 -4.33
CA PRO A 157 -12.76 -3.97 -4.32
C PRO A 157 -13.71 -4.19 -5.48
N ASP A 158 -15.01 -4.24 -5.16
CA ASP A 158 -16.07 -4.38 -6.16
C ASP A 158 -16.56 -2.93 -6.41
N ILE A 159 -16.00 -2.28 -7.42
CA ILE A 159 -16.37 -0.90 -7.75
C ILE A 159 -17.86 -0.55 -7.88
N ALA A 160 -18.63 -1.37 -8.57
CA ALA A 160 -20.05 -1.11 -8.72
C ALA A 160 -20.72 -1.09 -7.36
N ALA A 161 -20.52 -2.17 -6.59
CA ALA A 161 -21.11 -2.30 -5.26
C ALA A 161 -20.76 -1.11 -4.37
N LEU A 162 -19.49 -0.73 -4.40
CA LEU A 162 -19.00 0.39 -3.59
C LEU A 162 -19.72 1.69 -3.96
N ALA A 163 -20.22 1.79 -5.19
CA ALA A 163 -20.92 2.98 -5.62
C ALA A 163 -22.35 3.05 -5.09
N GLU A 164 -23.13 1.98 -5.28
CA GLU A 164 -24.50 1.97 -4.80
C GLU A 164 -24.54 2.20 -3.29
N LEU A 165 -23.79 1.38 -2.55
CA LEU A 165 -23.74 1.47 -1.10
C LEU A 165 -23.36 2.86 -0.58
N ALA A 166 -22.21 3.37 -1.00
CA ALA A 166 -21.72 4.67 -0.57
C ALA A 166 -22.76 5.78 -0.72
N ALA A 167 -23.58 5.72 -1.77
CA ALA A 167 -24.58 6.74 -2.00
C ALA A 167 -25.83 6.48 -1.18
N LEU A 168 -25.99 5.24 -0.72
CA LEU A 168 -27.18 4.90 0.06
C LEU A 168 -26.96 4.93 1.57
N GLN A 169 -25.72 4.87 2.01
CA GLN A 169 -25.46 4.88 3.46
C GLN A 169 -24.44 5.90 3.91
N LEU A 170 -23.51 6.26 3.03
CA LEU A 170 -22.45 7.20 3.36
C LEU A 170 -22.70 8.65 2.95
N LEU A 171 -23.40 8.84 1.83
CA LEU A 171 -23.67 10.19 1.35
C LEU A 171 -24.48 10.98 2.38
N PRO A 172 -25.64 10.45 2.79
CA PRO A 172 -26.45 11.16 3.78
C PRO A 172 -25.65 11.60 4.99
N ARG A 173 -24.74 10.75 5.44
CA ARG A 173 -23.90 11.08 6.59
C ARG A 173 -22.94 12.24 6.30
N LEU A 174 -22.55 12.39 5.04
CA LEU A 174 -21.64 13.47 4.64
C LEU A 174 -22.37 14.79 4.54
N ASN A 175 -23.66 14.72 4.20
CA ASN A 175 -24.49 15.90 4.10
C ASN A 175 -24.71 16.48 5.50
N GLU A 176 -25.03 15.59 6.44
CA GLU A 176 -25.25 15.98 7.84
C GLU A 176 -24.05 16.66 8.43
N GLY A 177 -22.88 16.05 8.26
CA GLY A 177 -21.69 16.64 8.82
C GLY A 177 -20.42 15.88 8.48
N LEU A 178 -19.52 15.80 9.45
CA LEU A 178 -18.25 15.13 9.24
C LEU A 178 -18.33 13.63 9.45
N VAL A 179 -17.51 12.91 8.71
CA VAL A 179 -17.50 11.46 8.79
C VAL A 179 -16.10 10.88 8.87
N ILE A 180 -15.86 10.12 9.92
CA ILE A 180 -14.57 9.50 10.13
C ILE A 180 -14.76 8.00 9.94
N THR A 181 -13.96 7.40 9.08
CA THR A 181 -14.07 5.97 8.84
C THR A 181 -12.68 5.35 8.68
N GLN A 182 -12.63 4.05 8.46
CA GLN A 182 -11.33 3.36 8.35
C GLN A 182 -10.91 2.83 6.99
N GLY A 183 -9.63 3.00 6.66
CA GLY A 183 -9.16 2.48 5.39
C GLY A 183 -8.63 1.08 5.64
N PHE A 184 -8.13 0.43 4.58
CA PHE A 184 -7.54 -0.91 4.69
C PHE A 184 -8.51 -2.09 4.84
N ILE A 185 -9.69 -1.87 5.42
CA ILE A 185 -10.64 -2.96 5.61
C ILE A 185 -11.90 -2.93 4.77
N GLY A 186 -12.52 -4.10 4.66
CA GLY A 186 -13.75 -4.24 3.91
C GLY A 186 -14.51 -5.45 4.39
N SER A 187 -15.58 -5.81 3.68
CA SER A 187 -16.38 -6.98 4.04
C SER A 187 -16.72 -7.70 2.76
N GLU A 188 -16.65 -9.02 2.80
CA GLU A 188 -16.96 -9.81 1.62
C GLU A 188 -18.48 -10.09 1.49
N ASN A 189 -18.87 -10.92 0.53
CA ASN A 189 -20.29 -11.20 0.35
C ASN A 189 -20.99 -11.77 1.57
N LYS A 190 -20.38 -12.75 2.23
CA LYS A 190 -20.99 -13.37 3.39
C LYS A 190 -20.67 -12.70 4.73
N GLY A 191 -20.56 -11.38 4.70
CA GLY A 191 -20.30 -10.58 5.90
C GLY A 191 -18.95 -10.62 6.60
N ARG A 192 -18.10 -11.56 6.22
CA ARG A 192 -16.78 -11.71 6.82
C ARG A 192 -15.90 -10.50 6.50
N THR A 193 -15.05 -10.13 7.45
CA THR A 193 -14.17 -8.98 7.27
C THR A 193 -12.95 -9.29 6.41
N THR A 194 -12.59 -8.34 5.56
CA THR A 194 -11.42 -8.47 4.67
C THR A 194 -10.54 -7.25 4.81
N THR A 195 -9.33 -7.34 4.27
CA THR A 195 -8.41 -6.19 4.29
C THR A 195 -7.89 -6.09 2.86
N LEU A 196 -7.48 -4.89 2.45
CA LEU A 196 -7.00 -4.66 1.08
C LEU A 196 -5.49 -4.94 0.89
N GLY A 197 -4.80 -5.30 1.97
CA GLY A 197 -3.37 -5.54 1.85
C GLY A 197 -2.60 -4.39 2.47
N ARG A 198 -1.40 -4.67 2.99
CA ARG A 198 -0.60 -3.64 3.64
C ARG A 198 -0.61 -2.32 2.87
N GLY A 199 -0.70 -1.20 3.61
CA GLY A 199 -0.71 0.11 2.98
C GLY A 199 -2.01 0.44 2.28
N GLY A 200 -2.97 -0.47 2.43
CA GLY A 200 -4.26 -0.32 1.80
C GLY A 200 -5.08 0.88 2.21
N SER A 201 -4.68 1.56 3.26
CA SER A 201 -5.46 2.74 3.66
C SER A 201 -5.39 3.82 2.58
N ASP A 202 -4.33 3.83 1.75
CA ASP A 202 -4.21 4.82 0.68
C ASP A 202 -5.26 4.48 -0.36
N TYR A 203 -5.30 3.19 -0.66
CA TYR A 203 -6.22 2.68 -1.65
C TYR A 203 -7.64 3.04 -1.26
N THR A 204 -7.99 2.83 0.01
CA THR A 204 -9.33 3.14 0.48
C THR A 204 -9.68 4.60 0.23
N ALA A 205 -8.72 5.48 0.45
CA ALA A 205 -8.97 6.90 0.28
C ALA A 205 -9.30 7.23 -1.16
N ALA A 206 -8.55 6.68 -2.09
CA ALA A 206 -8.81 6.92 -3.50
C ALA A 206 -10.15 6.31 -3.91
N LEU A 207 -10.44 5.11 -3.40
CA LEU A 207 -11.68 4.39 -3.73
C LEU A 207 -12.97 5.13 -3.39
N LEU A 208 -13.06 5.62 -2.15
CA LEU A 208 -14.24 6.33 -1.69
C LEU A 208 -14.33 7.71 -2.35
N ALA A 209 -13.17 8.24 -2.75
CA ALA A 209 -13.10 9.54 -3.42
C ALA A 209 -13.79 9.40 -4.78
N GLU A 210 -13.45 8.32 -5.49
CA GLU A 210 -14.04 8.06 -6.80
C GLU A 210 -15.52 7.77 -6.65
N ALA A 211 -15.85 6.89 -5.71
CA ALA A 211 -17.24 6.51 -5.46
C ALA A 211 -18.11 7.70 -5.06
N LEU A 212 -17.52 8.70 -4.42
CA LEU A 212 -18.29 9.87 -4.00
C LEU A 212 -18.10 11.10 -4.88
N HIS A 213 -17.39 10.94 -5.99
CA HIS A 213 -17.14 12.07 -6.90
C HIS A 213 -16.52 13.24 -6.14
N ALA A 214 -15.35 13.01 -5.57
CA ALA A 214 -14.64 14.03 -4.81
C ALA A 214 -13.78 14.87 -5.73
N SER A 215 -13.52 16.10 -5.30
CA SER A 215 -12.70 17.01 -6.05
C SER A 215 -11.24 16.70 -5.78
N ARG A 216 -10.97 15.98 -4.70
CA ARG A 216 -9.58 15.66 -4.36
C ARG A 216 -9.37 14.71 -3.18
N VAL A 217 -8.16 14.18 -3.11
CA VAL A 217 -7.74 13.28 -2.06
C VAL A 217 -6.45 13.80 -1.46
N ASP A 218 -6.38 13.84 -0.13
CA ASP A 218 -5.15 14.30 0.51
C ASP A 218 -4.48 13.18 1.33
N ILE A 219 -3.26 12.82 0.95
CA ILE A 219 -2.52 11.79 1.66
C ILE A 219 -1.56 12.44 2.65
N TRP A 220 -1.84 12.30 3.94
CA TRP A 220 -0.99 12.89 4.96
C TRP A 220 -0.07 11.83 5.56
N THR A 221 1.23 11.94 5.28
CA THR A 221 2.17 10.97 5.78
C THR A 221 3.24 11.57 6.71
N ASP A 222 4.41 10.93 6.78
CA ASP A 222 5.50 11.39 7.64
C ASP A 222 6.66 11.97 6.81
N VAL A 223 6.34 12.38 5.59
CA VAL A 223 7.31 12.96 4.66
C VAL A 223 6.56 13.95 3.79
N PRO A 224 7.06 15.19 3.67
CA PRO A 224 6.44 16.26 2.87
C PRO A 224 6.48 16.06 1.37
N GLY A 225 5.55 15.26 0.85
CA GLY A 225 5.47 15.01 -0.59
C GLY A 225 6.14 13.75 -1.11
N ILE A 226 6.24 13.64 -2.44
CA ILE A 226 6.86 12.50 -3.11
C ILE A 226 8.27 12.95 -3.55
N TYR A 227 9.30 12.22 -3.15
CA TYR A 227 10.67 12.59 -3.51
C TYR A 227 11.20 11.83 -4.72
N THR A 228 12.41 12.18 -5.14
CA THR A 228 13.04 11.51 -6.28
C THR A 228 13.51 10.12 -5.91
N THR A 229 13.23 9.71 -4.68
CA THR A 229 13.59 8.39 -4.21
C THR A 229 13.41 8.39 -2.70
N ASP A 230 13.29 7.19 -2.12
CA ASP A 230 13.10 7.06 -0.69
C ASP A 230 14.14 7.89 0.08
N PRO A 231 13.67 8.90 0.83
CA PRO A 231 14.56 9.76 1.61
C PRO A 231 15.35 8.96 2.60
N ARG A 232 14.85 7.77 2.93
CA ARG A 232 15.53 6.93 3.90
C ARG A 232 16.71 6.21 3.29
N VAL A 233 16.86 6.34 1.97
CA VAL A 233 17.99 5.72 1.29
C VAL A 233 18.90 6.79 0.70
N VAL A 234 18.29 7.86 0.19
CA VAL A 234 19.02 8.97 -0.39
C VAL A 234 18.70 10.23 0.39
N SER A 235 19.61 10.57 1.30
CA SER A 235 19.49 11.75 2.15
C SER A 235 19.30 12.98 1.25
N ALA A 236 20.12 13.03 0.20
CA ALA A 236 20.08 14.13 -0.75
C ALA A 236 18.89 14.05 -1.69
N ALA A 237 17.89 13.26 -1.33
CA ALA A 237 16.72 13.11 -2.17
C ALA A 237 15.99 14.44 -2.27
N LYS A 238 15.64 14.81 -3.49
CA LYS A 238 14.93 16.08 -3.73
C LYS A 238 13.42 15.85 -3.76
N ARG A 239 12.65 16.80 -3.24
CA ARG A 239 11.19 16.69 -3.29
C ARG A 239 10.72 16.98 -4.70
N ILE A 240 9.56 16.46 -5.08
CA ILE A 240 9.00 16.67 -6.40
C ILE A 240 7.68 17.39 -6.25
N ASP A 241 7.68 18.69 -6.48
CA ASP A 241 6.46 19.49 -6.30
C ASP A 241 5.23 19.06 -7.09
N GLU A 242 5.42 18.53 -8.30
CA GLU A 242 4.25 18.11 -9.06
C GLU A 242 4.62 17.03 -10.07
N ILE A 243 3.74 16.04 -10.20
CA ILE A 243 3.96 14.90 -11.11
C ILE A 243 2.62 14.38 -11.64
N ALA A 244 2.68 13.53 -12.67
CA ALA A 244 1.48 12.97 -13.31
C ALA A 244 1.22 11.50 -12.95
N PHE A 245 -0.05 11.13 -13.08
CA PHE A 245 -0.54 9.77 -12.78
C PHE A 245 0.36 8.60 -13.16
N ALA A 246 0.52 8.35 -14.46
CA ALA A 246 1.33 7.21 -14.87
C ALA A 246 2.74 7.28 -14.30
N GLU A 247 3.31 8.48 -14.25
CA GLU A 247 4.65 8.58 -13.69
C GLU A 247 4.70 7.97 -12.31
N ALA A 248 3.90 8.55 -11.43
CA ALA A 248 3.80 8.13 -10.04
C ALA A 248 3.25 6.72 -9.90
N ALA A 249 2.23 6.44 -10.71
CA ALA A 249 1.59 5.13 -10.71
C ALA A 249 2.68 4.08 -10.77
N GLU A 250 3.64 4.31 -11.68
CA GLU A 250 4.76 3.39 -11.86
C GLU A 250 5.77 3.48 -10.73
N MET A 251 5.86 4.64 -10.08
CA MET A 251 6.76 4.82 -8.95
C MET A 251 6.28 3.94 -7.82
N ALA A 252 4.98 4.01 -7.54
CA ALA A 252 4.41 3.22 -6.46
C ALA A 252 4.61 1.75 -6.78
N THR A 253 4.20 1.37 -7.99
CA THR A 253 4.29 -0.01 -8.43
C THR A 253 5.67 -0.62 -8.27
N PHE A 254 6.71 0.18 -8.49
CA PHE A 254 8.07 -0.34 -8.38
C PHE A 254 8.78 -0.10 -7.08
N GLY A 255 8.07 0.37 -6.05
CA GLY A 255 8.74 0.57 -4.79
C GLY A 255 8.47 1.85 -4.03
N ALA A 256 7.73 2.79 -4.61
CA ALA A 256 7.43 4.05 -3.93
C ALA A 256 6.38 3.85 -2.84
N LYS A 257 6.79 3.20 -1.75
CA LYS A 257 5.93 2.89 -0.60
C LYS A 257 4.93 4.00 -0.21
N VAL A 258 5.34 5.26 -0.31
CA VAL A 258 4.42 6.34 0.06
C VAL A 258 3.05 6.15 -0.54
N LEU A 259 2.95 5.44 -1.64
CA LEU A 259 1.63 5.18 -2.18
C LEU A 259 1.43 3.71 -2.45
N HIS A 260 0.26 3.23 -2.09
CA HIS A 260 -0.05 1.84 -2.33
C HIS A 260 -0.14 1.75 -3.86
N PRO A 261 0.45 0.71 -4.44
CA PRO A 261 0.45 0.49 -5.89
C PRO A 261 -0.91 0.59 -6.57
N ALA A 262 -1.99 0.50 -5.80
CA ALA A 262 -3.33 0.56 -6.38
C ALA A 262 -4.09 1.86 -6.08
N THR A 263 -3.43 2.80 -5.40
CA THR A 263 -4.08 4.07 -5.06
C THR A 263 -4.57 4.83 -6.29
N LEU A 264 -3.66 5.05 -7.23
CA LEU A 264 -3.94 5.81 -8.45
C LEU A 264 -4.93 5.21 -9.46
N LEU A 265 -5.25 3.92 -9.34
CA LEU A 265 -6.20 3.34 -10.29
C LEU A 265 -7.49 4.15 -10.27
N PRO A 266 -8.06 4.39 -9.08
CA PRO A 266 -9.29 5.17 -9.08
C PRO A 266 -8.97 6.61 -9.51
N ALA A 267 -7.81 7.09 -9.12
CA ALA A 267 -7.38 8.44 -9.46
C ALA A 267 -7.47 8.67 -10.96
N VAL A 268 -6.86 7.77 -11.72
CA VAL A 268 -6.87 7.83 -13.17
C VAL A 268 -8.28 7.66 -13.72
N ARG A 269 -9.01 6.69 -13.19
CA ARG A 269 -10.37 6.44 -13.66
C ARG A 269 -11.34 7.60 -13.49
N SER A 270 -11.09 8.49 -12.54
CA SER A 270 -11.98 9.63 -12.31
C SER A 270 -11.28 10.99 -12.27
N ASP A 271 -10.01 11.01 -12.66
CA ASP A 271 -9.24 12.24 -12.71
C ASP A 271 -9.28 13.03 -11.39
N ILE A 272 -9.12 12.32 -10.27
CA ILE A 272 -9.13 12.94 -8.96
C ILE A 272 -7.71 13.14 -8.46
N PRO A 273 -7.19 14.36 -8.66
CA PRO A 273 -5.82 14.67 -8.23
C PRO A 273 -5.60 14.28 -6.77
N VAL A 274 -4.38 13.90 -6.43
CA VAL A 274 -4.02 13.45 -5.09
C VAL A 274 -2.87 14.27 -4.54
N PHE A 275 -3.02 14.75 -3.30
CA PHE A 275 -1.98 15.54 -2.66
C PHE A 275 -1.21 14.73 -1.60
N VAL A 276 0.10 14.94 -1.52
CA VAL A 276 0.93 14.19 -0.57
C VAL A 276 1.82 15.08 0.30
N GLY A 277 1.51 15.14 1.60
CA GLY A 277 2.31 15.95 2.50
C GLY A 277 2.47 15.37 3.90
N SER A 278 3.36 15.99 4.67
CA SER A 278 3.67 15.61 6.04
C SER A 278 2.58 16.09 6.99
N SER A 279 2.20 15.26 7.95
CA SER A 279 1.16 15.63 8.90
C SER A 279 1.79 16.39 10.06
N LYS A 280 3.11 16.30 10.15
CA LYS A 280 3.84 16.98 11.20
C LYS A 280 4.46 18.27 10.70
N ASP A 281 4.19 18.63 9.45
CA ASP A 281 4.76 19.86 8.88
C ASP A 281 4.11 20.24 7.55
N PRO A 282 2.85 20.68 7.59
CA PRO A 282 2.06 21.09 6.42
C PRO A 282 2.43 22.39 5.72
N ARG A 283 3.55 22.99 6.11
CA ARG A 283 3.98 24.23 5.48
C ARG A 283 5.30 24.01 4.77
N ALA A 284 5.73 22.76 4.74
CA ALA A 284 6.96 22.45 4.05
C ALA A 284 6.47 22.27 2.62
N GLY A 285 5.21 21.84 2.49
CA GLY A 285 4.63 21.63 1.17
C GLY A 285 4.75 20.21 0.63
N GLY A 286 3.68 19.71 0.05
CA GLY A 286 3.71 18.37 -0.50
C GLY A 286 3.68 18.32 -2.01
N THR A 287 3.54 17.12 -2.54
CA THR A 287 3.49 16.90 -3.98
C THR A 287 2.06 16.67 -4.42
N LEU A 288 1.71 17.25 -5.56
CA LEU A 288 0.38 17.06 -6.10
C LEU A 288 0.48 16.16 -7.32
N VAL A 289 -0.37 15.14 -7.35
CA VAL A 289 -0.39 14.18 -8.44
C VAL A 289 -1.61 14.48 -9.28
N CYS A 290 -1.41 14.75 -10.56
CA CYS A 290 -2.54 15.06 -11.44
C CYS A 290 -2.45 14.44 -12.83
N ASN A 291 -3.44 14.73 -13.65
CA ASN A 291 -3.52 14.19 -14.99
C ASN A 291 -2.23 14.34 -15.79
N LYS A 292 -1.82 15.58 -16.08
CA LYS A 292 -0.60 15.81 -16.85
C LYS A 292 0.17 17.07 -16.40
N THR A 293 1.50 17.01 -16.54
CA THR A 293 2.38 18.09 -16.10
C THR A 293 2.78 19.15 -17.13
N GLU A 294 3.80 19.93 -16.74
CA GLU A 294 4.33 21.01 -17.57
C GLU A 294 5.22 20.42 -18.64
N ASN A 295 6.52 20.39 -18.36
CA ASN A 295 7.49 19.83 -19.28
C ASN A 295 8.24 18.79 -18.49
N PRO A 296 7.63 17.61 -18.34
CA PRO A 296 8.12 16.44 -17.60
C PRO A 296 9.57 16.08 -17.87
N PRO A 297 10.39 15.95 -16.81
CA PRO A 297 11.79 15.60 -16.98
C PRO A 297 11.98 14.30 -17.73
N LEU A 298 13.24 13.94 -17.95
CA LEU A 298 13.55 12.70 -18.64
C LEU A 298 13.69 11.68 -17.54
N PHE A 299 14.12 12.14 -16.38
CA PHE A 299 14.30 11.27 -15.21
C PHE A 299 13.66 11.90 -13.99
N ARG A 300 12.54 11.34 -13.52
CA ARG A 300 11.88 11.89 -12.34
C ARG A 300 12.49 11.33 -11.08
N ALA A 301 12.56 10.01 -11.00
CA ALA A 301 13.08 9.37 -9.81
C ALA A 301 13.49 7.93 -9.97
N LEU A 302 13.93 7.35 -8.87
CA LEU A 302 14.35 5.96 -8.80
C LEU A 302 13.49 5.32 -7.73
N ALA A 303 13.12 4.06 -7.95
CA ALA A 303 12.28 3.32 -7.00
C ALA A 303 12.93 1.96 -6.75
N LEU A 304 12.90 1.53 -5.50
CA LEU A 304 13.47 0.26 -5.09
C LEU A 304 12.38 -0.68 -4.58
N ARG A 305 12.42 -1.93 -5.05
CA ARG A 305 11.45 -2.95 -4.61
C ARG A 305 12.29 -4.14 -4.15
N ARG A 306 12.32 -4.35 -2.84
CA ARG A 306 13.10 -5.40 -2.22
C ARG A 306 12.48 -6.79 -2.16
N ASN A 307 13.35 -7.77 -1.91
CA ASN A 307 12.95 -9.17 -1.78
C ASN A 307 12.19 -9.68 -2.99
N GLN A 308 12.74 -9.41 -4.16
CA GLN A 308 12.13 -9.86 -5.38
C GLN A 308 12.62 -11.29 -5.60
N THR A 309 11.84 -12.06 -6.35
CA THR A 309 12.21 -13.43 -6.67
C THR A 309 12.29 -13.55 -8.19
N LEU A 310 13.36 -14.15 -8.71
CA LEU A 310 13.49 -14.34 -10.15
C LEU A 310 13.20 -15.78 -10.54
N LEU A 311 12.01 -15.99 -11.12
CA LEU A 311 11.57 -17.31 -11.55
C LEU A 311 11.84 -17.49 -13.03
N THR A 312 12.98 -18.10 -13.35
CA THR A 312 13.40 -18.33 -14.73
C THR A 312 12.87 -19.68 -15.25
N LEU A 313 12.17 -19.65 -16.38
CA LEU A 313 11.64 -20.89 -16.96
C LEU A 313 12.24 -21.25 -18.31
N HIS A 314 12.85 -22.43 -18.33
CA HIS A 314 13.46 -22.97 -19.54
C HIS A 314 12.51 -24.12 -19.90
N SER A 315 12.45 -24.50 -21.16
CA SER A 315 11.51 -25.57 -21.52
C SER A 315 12.10 -26.97 -21.57
N LEU A 316 11.30 -27.94 -21.15
CA LEU A 316 11.75 -29.33 -21.22
C LEU A 316 11.46 -29.79 -22.65
N ASN A 317 11.43 -28.79 -23.53
CA ASN A 317 11.26 -28.93 -24.97
C ASN A 317 10.16 -29.89 -25.46
N MET A 318 8.92 -29.70 -25.03
CA MET A 318 7.86 -30.59 -25.50
C MET A 318 6.68 -29.94 -26.21
N LEU A 319 6.65 -28.61 -26.28
CA LEU A 319 5.56 -27.92 -26.96
C LEU A 319 6.18 -26.79 -27.80
N HIS A 320 5.45 -26.26 -28.77
CA HIS A 320 6.03 -25.19 -29.57
C HIS A 320 5.95 -23.86 -28.83
N SER A 321 7.02 -23.06 -28.91
CA SER A 321 7.08 -21.76 -28.23
C SER A 321 5.72 -21.07 -28.08
N ARG A 322 4.98 -21.02 -29.17
CA ARG A 322 3.67 -20.39 -29.18
C ARG A 322 2.89 -20.87 -27.98
N GLY A 323 2.77 -22.19 -27.83
CA GLY A 323 2.05 -22.75 -26.71
C GLY A 323 2.90 -22.74 -25.46
N PHE A 324 4.16 -23.17 -25.59
CA PHE A 324 5.07 -23.21 -24.44
C PHE A 324 4.92 -21.93 -23.64
N LEU A 325 4.61 -20.84 -24.34
CA LEU A 325 4.40 -19.57 -23.67
C LEU A 325 2.92 -19.48 -23.36
N ALA A 326 2.09 -19.49 -24.40
CA ALA A 326 0.63 -19.42 -24.23
C ALA A 326 0.13 -20.29 -23.09
N GLU A 327 0.85 -21.36 -22.81
CA GLU A 327 0.49 -22.27 -21.72
C GLU A 327 1.03 -21.74 -20.40
N VAL A 328 2.35 -21.57 -20.36
CA VAL A 328 3.02 -21.04 -19.18
C VAL A 328 2.17 -19.91 -18.57
N PHE A 329 1.67 -19.04 -19.43
CA PHE A 329 0.87 -17.90 -19.00
C PHE A 329 -0.58 -18.25 -18.67
N GLY A 330 -0.92 -19.51 -18.88
CA GLY A 330 -2.27 -19.97 -18.59
C GLY A 330 -2.27 -20.85 -17.35
N ILE A 331 -1.17 -20.78 -16.63
CA ILE A 331 -1.01 -21.54 -15.41
C ILE A 331 -0.97 -20.50 -14.30
N LEU A 332 -0.35 -19.37 -14.63
CA LEU A 332 -0.22 -18.27 -13.70
C LEU A 332 -1.60 -17.61 -13.70
N ALA A 333 -2.40 -17.96 -14.70
CA ALA A 333 -3.75 -17.42 -14.85
C ALA A 333 -4.70 -18.12 -13.90
N ARG A 334 -4.34 -19.34 -13.52
CA ARG A 334 -5.14 -20.13 -12.61
C ARG A 334 -4.70 -19.76 -11.21
N HIS A 335 -3.42 -19.99 -10.95
CA HIS A 335 -2.83 -19.69 -9.64
C HIS A 335 -2.84 -18.18 -9.42
N ASN A 336 -3.31 -17.45 -10.42
CA ASN A 336 -3.36 -15.99 -10.39
C ASN A 336 -2.14 -15.32 -9.75
N ILE A 337 -1.01 -15.55 -10.42
CA ILE A 337 0.29 -15.01 -10.08
C ILE A 337 0.53 -13.88 -11.09
N SER A 338 0.51 -12.64 -10.62
CA SER A 338 0.71 -11.51 -11.52
C SER A 338 2.17 -11.08 -11.53
N VAL A 339 2.70 -10.83 -12.72
CA VAL A 339 4.09 -10.42 -12.92
C VAL A 339 4.18 -9.07 -13.63
N ASP A 340 4.87 -8.12 -13.01
CA ASP A 340 5.04 -6.78 -13.56
C ASP A 340 6.19 -6.78 -14.57
N LEU A 341 7.19 -7.62 -14.34
CA LEU A 341 8.35 -7.65 -15.21
C LEU A 341 8.78 -9.02 -15.74
N ILE A 342 8.75 -9.17 -17.07
CA ILE A 342 9.16 -10.40 -17.74
C ILE A 342 10.22 -10.12 -18.80
N THR A 343 11.13 -11.07 -18.97
CA THR A 343 12.20 -10.98 -19.95
C THR A 343 12.39 -12.38 -20.57
N THR A 344 12.49 -12.47 -21.89
CA THR A 344 12.64 -13.77 -22.55
C THR A 344 13.85 -13.87 -23.49
N SER A 345 14.12 -15.10 -23.91
CA SER A 345 15.20 -15.38 -24.84
C SER A 345 14.85 -16.76 -25.42
N GLU A 346 14.12 -16.72 -26.54
CA GLU A 346 13.66 -17.92 -27.21
C GLU A 346 12.65 -18.59 -26.30
N VAL A 347 12.98 -19.77 -25.82
CA VAL A 347 12.06 -20.49 -24.95
C VAL A 347 12.43 -20.40 -23.48
N SER A 348 13.23 -19.41 -23.12
CA SER A 348 13.64 -19.21 -21.74
C SER A 348 12.96 -17.93 -21.28
N VAL A 349 12.11 -18.02 -20.28
CA VAL A 349 11.42 -16.84 -19.80
C VAL A 349 11.68 -16.55 -18.32
N ALA A 350 12.33 -15.41 -18.03
CA ALA A 350 12.67 -15.02 -16.66
C ALA A 350 11.60 -14.12 -16.06
N LEU A 351 10.95 -14.63 -15.02
CA LEU A 351 9.89 -13.91 -14.35
C LEU A 351 10.34 -13.17 -13.08
N THR A 352 9.99 -11.89 -12.97
CA THR A 352 10.35 -11.06 -11.82
C THR A 352 9.20 -11.02 -10.82
N LEU A 353 9.34 -11.74 -9.72
CA LEU A 353 8.27 -11.82 -8.72
C LEU A 353 8.41 -10.99 -7.46
N ASP A 354 7.42 -10.13 -7.23
CA ASP A 354 7.37 -9.24 -6.07
C ASP A 354 6.73 -9.95 -4.88
N THR A 355 6.99 -9.46 -3.68
CA THR A 355 6.37 -10.08 -2.51
C THR A 355 4.87 -9.86 -2.62
N THR A 356 4.10 -10.61 -1.84
CA THR A 356 2.65 -10.52 -1.89
C THR A 356 2.03 -9.19 -1.49
N GLY A 357 2.58 -8.57 -0.46
CA GLY A 357 1.98 -7.32 0.02
C GLY A 357 0.69 -7.69 0.75
N SER A 358 0.51 -8.98 1.00
CA SER A 358 -0.68 -9.44 1.70
C SER A 358 -0.59 -9.14 3.18
N THR A 359 -1.74 -8.99 3.81
CA THR A 359 -1.84 -8.69 5.23
C THR A 359 -1.32 -9.89 6.05
N SER A 360 -1.44 -11.08 5.50
CA SER A 360 -0.96 -12.26 6.20
C SER A 360 0.45 -12.64 5.75
N THR A 361 1.36 -12.72 6.72
CA THR A 361 2.76 -13.08 6.47
C THR A 361 2.95 -14.36 5.65
N GLY A 362 2.46 -15.47 6.21
CA GLY A 362 2.58 -16.77 5.57
C GLY A 362 2.12 -16.93 4.13
N ASP A 363 1.81 -15.84 3.45
CA ASP A 363 1.37 -15.91 2.07
C ASP A 363 2.61 -16.26 1.24
N THR A 364 2.64 -17.49 0.74
CA THR A 364 3.78 -17.97 -0.06
C THR A 364 3.37 -18.08 -1.53
N LEU A 365 4.01 -17.28 -2.38
CA LEU A 365 3.71 -17.27 -3.80
C LEU A 365 3.85 -18.60 -4.53
N LEU A 366 5.01 -19.23 -4.40
CA LEU A 366 5.25 -20.49 -5.10
C LEU A 366 4.77 -21.77 -4.43
N THR A 367 3.54 -22.16 -4.76
CA THR A 367 2.92 -23.36 -4.22
C THR A 367 3.43 -24.61 -4.96
N GLN A 368 3.60 -25.70 -4.23
CA GLN A 368 4.10 -26.95 -4.81
C GLN A 368 3.20 -27.53 -5.88
N SER A 369 1.92 -27.16 -5.87
CA SER A 369 0.98 -27.65 -6.88
C SER A 369 1.46 -27.02 -8.17
N LEU A 370 1.65 -25.71 -8.11
CA LEU A 370 2.12 -24.93 -9.23
C LEU A 370 3.41 -25.52 -9.77
N LEU A 371 4.43 -25.54 -8.92
CA LEU A 371 5.72 -26.04 -9.35
C LEU A 371 5.63 -27.36 -10.10
N MET A 372 5.26 -28.45 -9.43
CA MET A 372 5.21 -29.70 -10.15
C MET A 372 4.41 -29.56 -11.45
N GLU A 373 3.44 -28.65 -11.51
CA GLU A 373 2.72 -28.53 -12.78
C GLU A 373 3.66 -27.89 -13.81
N LEU A 374 4.47 -26.93 -13.34
CA LEU A 374 5.41 -26.24 -14.20
C LEU A 374 6.70 -27.02 -14.35
N SER A 375 7.15 -27.67 -13.27
CA SER A 375 8.41 -28.41 -13.31
C SER A 375 8.50 -29.45 -14.43
N ALA A 376 7.37 -30.07 -14.76
CA ALA A 376 7.32 -31.09 -15.80
C ALA A 376 7.14 -30.46 -17.18
N LEU A 377 6.31 -29.42 -17.23
CA LEU A 377 6.06 -28.71 -18.48
C LEU A 377 7.29 -27.92 -18.94
N CYS A 378 8.19 -27.64 -18.02
CA CYS A 378 9.39 -26.87 -18.34
C CYS A 378 10.26 -26.73 -17.11
N ARG A 379 11.56 -26.98 -17.26
CA ARG A 379 12.48 -26.86 -16.15
C ARG A 379 12.32 -25.48 -15.48
N VAL A 380 12.38 -25.47 -14.14
CA VAL A 380 12.23 -24.24 -13.36
C VAL A 380 13.50 -23.81 -12.65
N GLU A 381 13.53 -22.54 -12.25
CA GLU A 381 14.66 -21.95 -11.53
C GLU A 381 14.11 -20.86 -10.63
N VAL A 382 14.70 -20.72 -9.45
CA VAL A 382 14.26 -19.69 -8.50
C VAL A 382 15.43 -19.07 -7.75
N GLU A 383 15.59 -17.76 -7.93
CA GLU A 383 16.65 -17.01 -7.26
C GLU A 383 15.98 -16.00 -6.32
N GLU A 384 16.45 -15.94 -5.08
CA GLU A 384 15.88 -15.02 -4.09
C GLU A 384 16.85 -13.96 -3.60
N GLY A 385 16.36 -13.09 -2.72
CA GLY A 385 17.21 -12.05 -2.17
C GLY A 385 17.71 -11.11 -3.24
N LEU A 386 16.84 -10.83 -4.21
CA LEU A 386 17.16 -9.93 -5.31
C LEU A 386 16.29 -8.70 -5.14
N ALA A 387 16.80 -7.54 -5.55
CA ALA A 387 16.07 -6.28 -5.44
C ALA A 387 15.90 -5.58 -6.79
N LEU A 388 14.70 -5.07 -7.04
CA LEU A 388 14.42 -4.38 -8.30
C LEU A 388 14.69 -2.89 -8.21
N VAL A 389 15.35 -2.34 -9.24
CA VAL A 389 15.62 -0.91 -9.30
C VAL A 389 14.94 -0.37 -10.57
N ALA A 390 14.11 0.64 -10.39
CA ALA A 390 13.39 1.23 -11.50
C ALA A 390 13.69 2.71 -11.69
N LEU A 391 13.81 3.14 -12.94
CA LEU A 391 14.02 4.55 -13.25
C LEU A 391 12.78 5.05 -13.94
N ILE A 392 12.14 6.05 -13.37
CA ILE A 392 10.94 6.57 -13.97
C ILE A 392 11.17 7.94 -14.55
N GLY A 393 10.62 8.14 -15.75
CA GLY A 393 10.77 9.40 -16.43
C GLY A 393 9.79 9.45 -17.58
N ASN A 394 10.23 10.05 -18.69
CA ASN A 394 9.37 10.19 -19.84
C ASN A 394 10.12 10.03 -21.16
N ASP A 395 9.54 9.24 -22.07
CA ASP A 395 10.15 9.01 -23.38
C ASP A 395 11.57 8.47 -23.32
N LEU A 396 11.83 7.59 -22.36
CA LEU A 396 13.15 6.99 -22.21
C LEU A 396 13.48 6.10 -23.41
N SER A 397 12.44 5.52 -24.01
CA SER A 397 12.57 4.61 -25.15
C SER A 397 12.98 5.29 -26.44
N LYS A 398 12.43 6.46 -26.72
CA LYS A 398 12.76 7.19 -27.94
C LYS A 398 13.71 8.36 -27.68
N ALA A 399 14.53 8.22 -26.64
CA ALA A 399 15.50 9.24 -26.28
C ALA A 399 16.90 8.64 -26.33
N CYS A 400 17.93 9.49 -26.24
CA CYS A 400 19.31 9.02 -26.31
C CYS A 400 20.12 8.99 -25.02
N GLY A 401 21.16 8.14 -25.01
CA GLY A 401 22.06 8.02 -23.88
C GLY A 401 21.56 7.32 -22.63
N VAL A 402 20.41 6.68 -22.72
CA VAL A 402 19.84 5.99 -21.57
C VAL A 402 20.70 4.87 -21.01
N GLY A 403 21.25 4.03 -21.87
CA GLY A 403 22.06 2.93 -21.38
C GLY A 403 23.33 3.33 -20.65
N LYS A 404 24.01 4.35 -21.16
CA LYS A 404 25.26 4.83 -20.57
C LYS A 404 24.98 5.55 -19.25
N GLU A 405 23.96 6.39 -19.29
CA GLU A 405 23.57 7.18 -18.13
C GLU A 405 23.24 6.33 -16.90
N VAL A 406 22.56 5.21 -17.12
CA VAL A 406 22.17 4.33 -16.02
C VAL A 406 23.23 3.33 -15.58
N PHE A 407 23.89 2.70 -16.53
CA PHE A 407 24.88 1.68 -16.22
C PHE A 407 26.34 2.14 -16.19
N GLY A 408 26.54 3.46 -16.25
CA GLY A 408 27.91 3.99 -16.21
C GLY A 408 28.51 3.91 -14.82
N VAL A 409 27.64 3.94 -13.82
CA VAL A 409 28.05 3.90 -12.42
C VAL A 409 28.01 2.51 -11.78
N LEU A 410 27.28 1.59 -12.40
CA LEU A 410 27.10 0.25 -11.88
C LEU A 410 28.14 -0.78 -12.28
N GLU A 411 29.28 -0.31 -12.80
CA GLU A 411 30.35 -1.19 -13.25
C GLU A 411 30.68 -2.23 -12.19
N PRO A 412 30.89 -1.79 -10.95
CA PRO A 412 31.23 -2.70 -9.84
C PRO A 412 30.15 -3.70 -9.40
N PHE A 413 29.01 -3.71 -10.08
CA PHE A 413 27.91 -4.62 -9.70
C PHE A 413 27.49 -5.70 -10.67
N ASN A 414 26.59 -6.56 -10.20
CA ASN A 414 26.07 -7.63 -11.03
C ASN A 414 24.64 -7.33 -11.41
N ILE A 415 24.42 -6.96 -12.66
CA ILE A 415 23.06 -6.72 -13.07
C ILE A 415 22.56 -8.09 -13.50
N ARG A 416 21.46 -8.52 -12.88
CA ARG A 416 20.90 -9.85 -13.14
C ARG A 416 19.78 -9.91 -14.17
N MET A 417 19.09 -8.79 -14.34
CA MET A 417 17.98 -8.76 -15.26
C MET A 417 17.75 -7.33 -15.68
N ILE A 418 17.46 -7.12 -16.95
CA ILE A 418 17.17 -5.78 -17.39
C ILE A 418 15.92 -5.91 -18.22
N CYS A 419 14.90 -5.18 -17.84
CA CYS A 419 13.66 -5.25 -18.57
C CYS A 419 13.35 -3.82 -18.95
N TYR A 420 13.36 -3.56 -20.26
CA TYR A 420 13.12 -2.22 -20.78
C TYR A 420 12.65 -2.21 -22.22
N GLY A 421 11.71 -1.30 -22.50
CA GLY A 421 11.18 -1.15 -23.84
C GLY A 421 9.67 -1.23 -23.93
N ALA A 422 9.05 -1.78 -22.90
CA ALA A 422 7.60 -1.92 -22.89
C ALA A 422 6.89 -0.63 -22.48
N SER A 423 7.60 0.26 -21.80
CA SER A 423 7.01 1.51 -21.37
C SER A 423 7.96 2.68 -21.54
N SER A 424 7.45 3.76 -22.10
CA SER A 424 8.29 4.93 -22.30
C SER A 424 8.46 5.69 -20.99
N HIS A 425 8.07 5.08 -19.89
CA HIS A 425 8.18 5.73 -18.58
C HIS A 425 9.21 5.09 -17.67
N ASN A 426 9.55 3.82 -17.89
CA ASN A 426 10.50 3.19 -16.98
C ASN A 426 11.52 2.21 -17.57
N LEU A 427 12.56 1.97 -16.76
CA LEU A 427 13.61 1.04 -17.09
C LEU A 427 13.98 0.37 -15.77
N CYS A 428 13.70 -0.92 -15.65
CA CYS A 428 14.01 -1.61 -14.40
C CYS A 428 15.09 -2.65 -14.56
N PHE A 429 15.62 -3.08 -13.42
CA PHE A 429 16.62 -4.12 -13.41
C PHE A 429 16.85 -4.65 -12.01
N LEU A 430 17.36 -5.88 -11.93
CA LEU A 430 17.62 -6.51 -10.66
C LEU A 430 19.10 -6.43 -10.31
N VAL A 431 19.39 -6.55 -9.02
CA VAL A 431 20.74 -6.54 -8.48
C VAL A 431 20.66 -7.28 -7.15
N PRO A 432 21.72 -7.97 -6.76
CA PRO A 432 21.64 -8.68 -5.47
C PRO A 432 21.24 -7.74 -4.33
N GLY A 433 20.34 -8.22 -3.47
CA GLY A 433 19.85 -7.45 -2.35
C GLY A 433 20.83 -6.56 -1.61
N GLU A 434 21.93 -7.12 -1.10
CA GLU A 434 22.91 -6.34 -0.34
C GLU A 434 23.50 -5.10 -1.02
N ASP A 435 23.56 -5.10 -2.34
CA ASP A 435 24.12 -3.96 -3.07
C ASP A 435 23.01 -2.97 -3.47
N ALA A 436 21.77 -3.34 -3.20
CA ALA A 436 20.60 -2.54 -3.54
C ALA A 436 20.69 -1.02 -3.31
N GLU A 437 20.80 -0.60 -2.05
CA GLU A 437 20.85 0.82 -1.76
C GLU A 437 22.04 1.58 -2.31
N GLN A 438 23.24 0.98 -2.25
CA GLN A 438 24.43 1.66 -2.77
C GLN A 438 24.21 1.99 -4.26
N VAL A 439 23.46 1.16 -4.96
CA VAL A 439 23.15 1.40 -6.36
C VAL A 439 22.22 2.60 -6.47
N VAL A 440 21.14 2.58 -5.69
CA VAL A 440 20.18 3.68 -5.70
C VAL A 440 20.88 5.00 -5.46
N GLN A 441 21.85 4.98 -4.57
CA GLN A 441 22.61 6.17 -4.24
C GLN A 441 23.49 6.56 -5.42
N LYS A 442 24.30 5.63 -5.90
CA LYS A 442 25.16 5.93 -7.03
C LYS A 442 24.41 6.56 -8.19
N LEU A 443 23.27 5.97 -8.56
CA LEU A 443 22.47 6.50 -9.67
C LEU A 443 21.99 7.91 -9.42
N HIS A 444 21.17 8.02 -8.38
CA HIS A 444 20.57 9.29 -7.95
C HIS A 444 21.58 10.42 -7.99
N SER A 445 22.78 10.12 -7.49
CA SER A 445 23.87 11.07 -7.43
C SER A 445 24.17 11.73 -8.77
N ASN A 446 24.74 10.99 -9.72
CA ASN A 446 25.05 11.56 -11.02
C ASN A 446 23.76 11.58 -11.83
N LEU A 447 22.62 11.86 -11.18
CA LEU A 447 21.34 11.89 -11.90
C LEU A 447 20.36 12.98 -11.45
N PHE A 448 20.41 13.34 -10.17
CA PHE A 448 19.50 14.35 -9.65
C PHE A 448 20.22 15.38 -8.79
N GLU A 449 21.39 14.99 -8.29
CA GLU A 449 22.20 15.85 -7.43
C GLU A 449 23.13 16.70 -8.29
#